data_2AS9
#
_entry.id   2AS9
#
_cell.length_a   53.120
_cell.length_b   81.400
_cell.length_c   107.390
_cell.angle_alpha   90.00
_cell.angle_beta   90.00
_cell.angle_gamma   90.00
#
_symmetry.space_group_name_H-M   'P 21 21 21'
#
loop_
_entity.id
_entity.type
_entity.pdbx_description
1 polymer 'serine protease'
2 non-polymer 'ZINC ION'
3 water water
#
_entity_poly.entity_id   1
_entity_poly.type   'polypeptide(L)'
_entity_poly.pdbx_seq_one_letter_code
;MEKNVTQVKDTNNFPYNGVVSFKDATGFVIGKNTIITNKHVSKDYKVGDRITAHPNGDKGNGGIYKIKSISDYPGDEDIS
VMNIEEQAVERGPKGFNFNENVQAFNFAKDAKVDDKIKVIGYPLPAQNSFKQFESTGTIKRIKDNILNFDAYIEPGNSGS
PVLNSNNEVIGVVYGGIGKIGSEYNGAVYFTPQIKDFIQKHIEQHHHHHH
;
_entity_poly.pdbx_strand_id   A,B
#
loop_
_chem_comp.id
_chem_comp.type
_chem_comp.name
_chem_comp.formula
ZN non-polymer 'ZINC ION' 'Zn 2'
#
# COMPACT_ATOMS: atom_id res chain seq x y z
N MET A 1 0.94 -5.96 6.68
CA MET A 1 0.03 -6.94 7.36
C MET A 1 -0.77 -6.26 8.46
N GLU A 2 -1.57 -5.27 8.07
CA GLU A 2 -2.48 -4.60 8.99
C GLU A 2 -3.72 -5.46 9.18
N LYS A 3 -4.07 -5.70 10.44
CA LYS A 3 -5.31 -6.38 10.78
C LYS A 3 -5.97 -5.62 11.93
N ASN A 4 -6.80 -4.66 11.55
CA ASN A 4 -7.54 -3.82 12.49
C ASN A 4 -8.99 -3.83 12.04
N VAL A 5 -9.71 -4.86 12.46
CA VAL A 5 -11.06 -5.11 11.97
C VAL A 5 -12.00 -5.06 13.17
N THR A 6 -13.05 -4.26 13.05
CA THR A 6 -14.05 -4.11 14.09
C THR A 6 -15.43 -4.46 13.54
N GLN A 7 -16.24 -5.14 14.36
CA GLN A 7 -17.64 -5.36 14.03
C GLN A 7 -18.38 -4.02 14.17
N VAL A 8 -19.15 -3.65 13.14
CA VAL A 8 -19.88 -2.39 13.17
C VAL A 8 -21.07 -2.50 14.15
N LYS A 9 -21.10 -1.59 15.12
CA LYS A 9 -22.15 -1.60 16.14
C LYS A 9 -23.52 -1.19 15.58
N ASP A 10 -23.54 -0.12 14.77
CA ASP A 10 -24.80 0.43 14.27
C ASP A 10 -24.69 0.82 12.80
N THR A 11 -25.36 0.08 11.93
CA THR A 11 -25.25 0.28 10.48
C THR A 11 -26.26 1.29 9.92
N ASN A 12 -26.97 1.97 10.83
CA ASN A 12 -28.00 2.94 10.44
C ASN A 12 -27.45 4.37 10.27
N ASN A 13 -26.18 4.55 10.61
CA ASN A 13 -25.53 5.84 10.48
C ASN A 13 -24.46 5.80 9.39
N PHE A 14 -24.25 6.94 8.72
CA PHE A 14 -23.17 7.08 7.75
C PHE A 14 -21.80 6.97 8.41
N PRO A 15 -20.81 6.31 7.75
CA PRO A 15 -20.79 5.68 6.41
C PRO A 15 -21.43 4.30 6.28
N TYR A 16 -21.77 3.67 7.41
CA TYR A 16 -22.23 2.30 7.42
C TYR A 16 -23.52 2.09 6.65
N ASN A 17 -24.38 3.09 6.65
CA ASN A 17 -25.63 3.05 5.89
C ASN A 17 -25.50 3.34 4.38
N GLY A 18 -24.27 3.46 3.90
CA GLY A 18 -24.01 3.57 2.45
C GLY A 18 -23.57 2.26 1.83
N VAL A 19 -23.47 1.22 2.66
CA VAL A 19 -22.97 -0.08 2.19
C VAL A 19 -24.15 -1.06 2.01
N VAL A 20 -24.10 -1.82 0.93
CA VAL A 20 -25.12 -2.83 0.62
C VAL A 20 -24.52 -4.23 0.54
N SER A 21 -25.38 -5.23 0.66
CA SER A 21 -24.99 -6.63 0.75
C SER A 21 -25.64 -7.43 -0.38
N PHE A 22 -24.80 -8.18 -1.11
CA PHE A 22 -25.27 -9.25 -1.99
C PHE A 22 -25.17 -10.55 -1.19
N LYS A 23 -25.72 -11.64 -1.74
CA LYS A 23 -25.63 -12.94 -1.04
C LYS A 23 -24.21 -13.28 -0.57
N ASP A 24 -23.21 -12.98 -1.41
CA ASP A 24 -21.81 -13.32 -1.09
C ASP A 24 -20.78 -12.20 -1.36
N ALA A 25 -21.26 -10.98 -1.54
CA ALA A 25 -20.37 -9.85 -1.87
C ALA A 25 -20.94 -8.53 -1.34
N THR A 26 -20.21 -7.45 -1.63
CA THR A 26 -20.53 -6.13 -1.09
C THR A 26 -20.71 -5.16 -2.27
N GLY A 27 -21.43 -4.08 -2.01
CA GLY A 27 -21.45 -2.92 -2.91
C GLY A 27 -21.71 -1.68 -2.07
N PHE A 28 -21.85 -0.53 -2.72
CA PHE A 28 -22.08 0.68 -1.96
C PHE A 28 -22.82 1.73 -2.76
N VAL A 29 -23.51 2.61 -2.04
CA VAL A 29 -24.38 3.60 -2.66
C VAL A 29 -23.58 4.81 -3.10
N ILE A 30 -23.78 5.23 -4.35
CA ILE A 30 -23.09 6.39 -4.92
C ILE A 30 -24.05 7.52 -5.29
N GLY A 31 -25.35 7.21 -5.39
CA GLY A 31 -26.32 8.25 -5.74
C GLY A 31 -27.73 7.71 -5.76
N LYS A 32 -28.66 8.54 -6.21
CA LYS A 32 -30.06 8.15 -6.27
C LYS A 32 -30.22 6.83 -7.04
N ASN A 33 -30.78 5.84 -6.35
CA ASN A 33 -31.04 4.52 -6.94
C ASN A 33 -29.82 3.87 -7.61
N THR A 34 -28.63 4.16 -7.09
CA THR A 34 -27.42 3.72 -7.78
C THR A 34 -26.34 3.21 -6.86
N ILE A 35 -25.83 2.02 -7.16
CA ILE A 35 -24.73 1.43 -6.41
C ILE A 35 -23.54 1.09 -7.31
N ILE A 36 -22.39 0.95 -6.66
CA ILE A 36 -21.17 0.51 -7.31
C ILE A 36 -20.80 -0.84 -6.71
N THR A 37 -20.30 -1.72 -7.55
CA THR A 37 -19.64 -2.94 -7.11
C THR A 37 -18.56 -3.29 -8.16
N ASN A 38 -18.07 -4.52 -8.17
CA ASN A 38 -17.14 -4.92 -9.24
C ASN A 38 -17.74 -5.87 -10.27
N LYS A 39 -16.96 -6.17 -11.32
CA LYS A 39 -17.41 -7.00 -12.44
C LYS A 39 -17.58 -8.47 -12.09
N HIS A 40 -16.88 -8.91 -11.04
CA HIS A 40 -17.07 -10.27 -10.56
C HIS A 40 -18.45 -10.43 -9.93
N VAL A 41 -18.87 -9.40 -9.19
CA VAL A 41 -20.19 -9.38 -8.58
C VAL A 41 -21.26 -9.27 -9.66
N SER A 42 -21.00 -8.41 -10.64
CA SER A 42 -21.97 -8.19 -11.72
C SER A 42 -22.10 -9.37 -12.70
N LYS A 43 -21.07 -10.22 -12.76
CA LYS A 43 -21.18 -11.50 -13.47
C LYS A 43 -22.06 -12.50 -12.72
N ASP A 44 -22.01 -12.46 -11.39
CA ASP A 44 -22.71 -13.41 -10.54
C ASP A 44 -24.20 -13.13 -10.38
N TYR A 45 -24.56 -11.85 -10.44
CA TYR A 45 -25.92 -11.42 -10.18
C TYR A 45 -26.54 -10.83 -11.45
N LYS A 46 -27.86 -10.91 -11.55
CA LYS A 46 -28.59 -10.43 -12.73
C LYS A 46 -29.70 -9.45 -12.34
N VAL A 47 -30.23 -8.75 -13.35
CA VAL A 47 -31.41 -7.92 -13.16
C VAL A 47 -32.51 -8.76 -12.50
N GLY A 48 -33.10 -8.22 -11.43
CA GLY A 48 -34.12 -8.93 -10.67
C GLY A 48 -33.58 -9.60 -9.42
N ASP A 49 -32.27 -9.84 -9.39
CA ASP A 49 -31.61 -10.28 -8.16
C ASP A 49 -31.65 -9.16 -7.12
N ARG A 50 -31.40 -9.52 -5.86
CA ARG A 50 -31.63 -8.59 -4.77
C ARG A 50 -30.42 -8.23 -3.93
N ILE A 51 -30.46 -7.01 -3.38
CA ILE A 51 -29.48 -6.53 -2.42
C ILE A 51 -30.22 -6.17 -1.13
N THR A 52 -29.48 -6.17 -0.03
CA THR A 52 -30.00 -5.75 1.25
C THR A 52 -29.22 -4.51 1.64
N ALA A 53 -29.92 -3.46 2.05
CA ALA A 53 -29.28 -2.22 2.47
C ALA A 53 -28.74 -2.33 3.89
N HIS A 54 -27.42 -2.13 4.02
CA HIS A 54 -26.70 -2.05 5.30
C HIS A 54 -27.18 -3.03 6.41
N PRO A 55 -27.25 -4.34 6.10
CA PRO A 55 -27.61 -5.27 7.19
C PRO A 55 -26.63 -5.22 8.37
N ASN A 56 -27.17 -5.36 9.59
CA ASN A 56 -26.36 -5.49 10.81
C ASN A 56 -26.74 -6.85 11.42
N GLY A 57 -26.39 -7.91 10.72
CA GLY A 57 -26.80 -9.26 11.10
C GLY A 57 -28.31 -9.40 11.17
N ASP A 58 -28.79 -9.99 12.26
CA ASP A 58 -30.24 -10.11 12.50
C ASP A 58 -30.84 -8.89 13.21
N LYS A 59 -30.02 -7.89 13.50
CA LYS A 59 -30.52 -6.64 14.11
C LYS A 59 -31.40 -5.84 13.15
N GLY A 60 -31.31 -6.16 11.86
CA GLY A 60 -32.14 -5.49 10.88
C GLY A 60 -31.32 -4.92 9.76
N ASN A 61 -31.99 -4.21 8.85
CA ASN A 61 -31.39 -3.68 7.65
C ASN A 61 -32.24 -2.52 7.12
N GLY A 62 -31.75 -1.83 6.10
CA GLY A 62 -32.52 -0.74 5.48
C GLY A 62 -33.45 -1.20 4.36
N GLY A 63 -33.75 -2.50 4.31
CA GLY A 63 -34.66 -3.06 3.31
C GLY A 63 -33.99 -3.95 2.29
N ILE A 64 -34.82 -4.66 1.52
CA ILE A 64 -34.37 -5.53 0.44
C ILE A 64 -34.84 -4.95 -0.89
N TYR A 65 -33.91 -4.82 -1.84
CA TYR A 65 -34.17 -4.11 -3.10
C TYR A 65 -33.79 -4.92 -4.32
N LYS A 66 -34.55 -4.75 -5.39
CA LYS A 66 -34.28 -5.39 -6.68
C LYS A 66 -33.30 -4.58 -7.52
N ILE A 67 -32.39 -5.29 -8.19
CA ILE A 67 -31.50 -4.70 -9.19
C ILE A 67 -32.28 -4.48 -10.48
N LYS A 68 -32.33 -3.22 -10.90
CA LYS A 68 -33.08 -2.80 -12.08
C LYS A 68 -32.27 -2.91 -13.37
N SER A 69 -31.00 -2.54 -13.29
CA SER A 69 -30.09 -2.62 -14.44
C SER A 69 -28.65 -2.73 -13.97
N ILE A 70 -27.82 -3.26 -14.86
CA ILE A 70 -26.40 -3.45 -14.60
C ILE A 70 -25.60 -2.87 -15.76
N SER A 71 -24.63 -2.02 -15.43
CA SER A 71 -23.78 -1.37 -16.42
C SER A 71 -22.32 -1.56 -16.04
N ASP A 72 -21.67 -2.49 -16.73
CA ASP A 72 -20.24 -2.70 -16.54
C ASP A 72 -19.44 -1.58 -17.20
N TYR A 73 -18.36 -1.16 -16.56
CA TYR A 73 -17.45 -0.20 -17.15
C TYR A 73 -16.87 -0.80 -18.45
N PRO A 74 -16.94 -0.05 -19.57
CA PRO A 74 -16.40 -0.59 -20.83
C PRO A 74 -14.87 -0.70 -20.89
N GLY A 75 -14.16 -0.05 -19.97
CA GLY A 75 -12.70 -0.22 -19.86
C GLY A 75 -12.35 -1.57 -19.25
N ASP A 76 -11.06 -1.81 -19.04
CA ASP A 76 -10.59 -3.07 -18.45
C ASP A 76 -10.86 -3.17 -16.94
N GLU A 77 -11.05 -2.03 -16.28
CA GLU A 77 -11.17 -1.96 -14.81
C GLU A 77 -12.33 -2.77 -14.22
N ASP A 78 -12.11 -3.29 -13.01
CA ASP A 78 -13.03 -4.18 -12.32
C ASP A 78 -14.11 -3.38 -11.56
N ILE A 79 -14.98 -2.71 -12.30
CA ILE A 79 -16.01 -1.87 -11.70
C ILE A 79 -17.31 -1.93 -12.51
N SER A 80 -18.42 -1.99 -11.78
CA SER A 80 -19.75 -2.06 -12.35
C SER A 80 -20.65 -1.10 -11.58
N VAL A 81 -21.61 -0.50 -12.28
CA VAL A 81 -22.65 0.29 -11.66
C VAL A 81 -23.98 -0.45 -11.80
N MET A 82 -24.80 -0.44 -10.75
CA MET A 82 -26.11 -1.04 -10.85
C MET A 82 -27.15 -0.04 -10.40
N ASN A 83 -28.26 0.03 -11.15
CA ASN A 83 -29.36 0.83 -10.70
C ASN A 83 -30.38 -0.04 -9.96
N ILE A 84 -31.02 0.56 -8.98
CA ILE A 84 -31.86 -0.15 -8.02
C ILE A 84 -33.30 0.35 -8.13
N GLU A 85 -34.25 -0.58 -8.16
CA GLU A 85 -35.67 -0.22 -8.10
C GLU A 85 -35.93 0.54 -6.79
N GLU A 86 -36.46 1.75 -6.92
CA GLU A 86 -36.60 2.66 -5.80
C GLU A 86 -37.55 2.13 -4.71
N GLN A 87 -38.59 1.40 -5.12
CA GLN A 87 -39.53 0.83 -4.18
C GLN A 87 -39.00 -0.53 -3.70
N ALA A 88 -38.74 -0.64 -2.41
CA ALA A 88 -38.23 -1.87 -1.79
C ALA A 88 -39.15 -3.07 -2.01
N VAL A 89 -38.53 -4.24 -2.14
CA VAL A 89 -39.25 -5.52 -2.06
C VAL A 89 -39.71 -5.71 -0.61
N GLU A 90 -38.80 -5.46 0.33
CA GLU A 90 -39.13 -5.42 1.76
C GLU A 90 -38.60 -4.14 2.38
N ARG A 91 -39.48 -3.49 3.15
CA ARG A 91 -39.25 -2.16 3.69
C ARG A 91 -38.09 -2.09 4.70
N GLY A 92 -37.44 -0.93 4.74
CA GLY A 92 -36.51 -0.61 5.82
C GLY A 92 -37.21 0.21 6.89
N PRO A 93 -36.48 0.61 7.95
CA PRO A 93 -37.04 1.41 9.04
C PRO A 93 -37.63 2.74 8.59
N LYS A 94 -37.11 3.28 7.49
CA LYS A 94 -37.54 4.59 6.99
C LYS A 94 -38.58 4.45 5.89
N GLY A 95 -39.05 3.23 5.66
CA GLY A 95 -40.09 3.00 4.66
C GLY A 95 -39.60 2.23 3.45
N PHE A 96 -40.38 2.29 2.37
CA PHE A 96 -40.11 1.52 1.17
C PHE A 96 -39.11 2.18 0.23
N ASN A 97 -38.78 3.44 0.48
CA ASN A 97 -37.90 4.18 -0.45
C ASN A 97 -36.41 3.90 -0.21
N PHE A 98 -35.77 3.31 -1.22
CA PHE A 98 -34.32 3.05 -1.21
C PHE A 98 -33.53 4.24 -0.70
N ASN A 99 -33.79 5.40 -1.28
CA ASN A 99 -33.00 6.60 -0.99
C ASN A 99 -33.12 7.14 0.42
N GLU A 100 -34.26 6.90 1.06
CA GLU A 100 -34.46 7.32 2.44
C GLU A 100 -33.84 6.37 3.46
N ASN A 101 -33.47 5.17 3.01
CA ASN A 101 -32.86 4.16 3.89
C ASN A 101 -31.35 4.07 3.77
N VAL A 102 -30.77 4.88 2.90
CA VAL A 102 -29.34 4.86 2.67
C VAL A 102 -28.84 6.30 2.56
N GLN A 103 -27.53 6.44 2.62
CA GLN A 103 -26.87 7.69 2.31
C GLN A 103 -25.75 7.41 1.33
N ALA A 104 -25.69 8.21 0.27
CA ALA A 104 -24.72 7.99 -0.77
C ALA A 104 -23.33 8.51 -0.37
N PHE A 105 -22.29 7.83 -0.85
CA PHE A 105 -20.92 8.31 -0.69
C PHE A 105 -20.63 9.40 -1.70
N ASN A 106 -19.72 10.30 -1.35
CA ASN A 106 -19.15 11.24 -2.30
C ASN A 106 -17.78 10.71 -2.74
N PHE A 107 -17.39 11.01 -3.97
CA PHE A 107 -16.05 10.76 -4.46
C PHE A 107 -15.03 11.61 -3.70
N ALA A 108 -13.86 11.04 -3.42
CA ALA A 108 -12.72 11.82 -2.97
C ALA A 108 -12.13 12.60 -4.16
N LYS A 109 -11.48 13.73 -3.88
CA LYS A 109 -10.83 14.52 -4.93
C LYS A 109 -9.57 13.82 -5.46
N ASP A 110 -8.91 13.10 -4.56
CA ASP A 110 -7.69 12.36 -4.88
C ASP A 110 -7.33 11.48 -3.70
N ALA A 111 -6.21 10.78 -3.81
CA ALA A 111 -5.61 10.05 -2.70
C ALA A 111 -4.12 9.94 -2.97
N LYS A 112 -3.34 9.68 -1.92
CA LYS A 112 -1.88 9.51 -2.09
C LYS A 112 -1.41 8.35 -1.25
N VAL A 113 -0.24 7.80 -1.61
CA VAL A 113 0.35 6.73 -0.81
C VAL A 113 0.48 7.16 0.65
N ASP A 114 0.37 6.18 1.54
CA ASP A 114 0.43 6.35 2.99
C ASP A 114 -0.80 6.98 3.65
N ASP A 115 -1.79 7.39 2.84
CA ASP A 115 -3.07 7.86 3.38
C ASP A 115 -3.72 6.75 4.20
N LYS A 116 -4.37 7.14 5.30
CA LYS A 116 -5.16 6.22 6.11
C LYS A 116 -6.49 5.92 5.41
N ILE A 117 -6.82 4.64 5.27
CA ILE A 117 -8.07 4.22 4.63
C ILE A 117 -8.88 3.21 5.46
N LYS A 118 -10.13 3.00 5.05
CA LYS A 118 -11.03 2.10 5.74
C LYS A 118 -11.80 1.36 4.66
N VAL A 119 -11.99 0.06 4.88
CA VAL A 119 -12.83 -0.75 4.03
C VAL A 119 -14.01 -1.19 4.89
N ILE A 120 -15.21 -0.98 4.39
CA ILE A 120 -16.42 -1.43 5.09
C ILE A 120 -17.16 -2.40 4.20
N GLY A 121 -17.55 -3.53 4.76
CA GLY A 121 -18.26 -4.52 3.97
C GLY A 121 -18.61 -5.74 4.75
N TYR A 122 -18.80 -6.83 4.01
CA TYR A 122 -19.35 -8.08 4.55
C TYR A 122 -18.43 -9.29 4.33
N PRO A 123 -17.33 -9.36 5.09
CA PRO A 123 -16.47 -10.54 5.04
C PRO A 123 -17.19 -11.77 5.58
N LEU A 124 -17.01 -12.90 4.89
CA LEU A 124 -17.50 -14.22 5.32
C LEU A 124 -18.94 -14.13 5.85
N PRO A 125 -19.86 -13.63 5.02
CA PRO A 125 -21.19 -13.28 5.53
C PRO A 125 -21.99 -14.44 6.12
N ALA A 126 -21.79 -15.67 5.62
CA ALA A 126 -22.47 -16.83 6.21
C ALA A 126 -21.92 -17.12 7.61
N GLN A 127 -20.59 -17.17 7.73
CA GLN A 127 -19.91 -17.43 9.00
C GLN A 127 -20.14 -16.32 10.03
N ASN A 128 -20.07 -15.08 9.55
CA ASN A 128 -20.47 -13.90 10.29
C ASN A 128 -21.84 -13.47 9.70
N SER A 129 -22.83 -14.08 10.29
CA SER A 129 -24.27 -13.91 10.01
C SER A 129 -24.61 -12.44 9.73
N PHE A 130 -24.23 -12.10 8.49
CA PHE A 130 -24.26 -10.86 7.81
C PHE A 130 -24.00 -9.62 8.62
N LYS A 131 -23.03 -9.67 9.54
CA LYS A 131 -22.59 -8.48 10.24
C LYS A 131 -21.67 -7.68 9.33
N GLN A 132 -21.69 -6.36 9.53
CA GLN A 132 -20.84 -5.45 8.77
C GLN A 132 -19.55 -5.22 9.56
N PHE A 133 -18.42 -5.18 8.85
CA PHE A 133 -17.12 -4.99 9.49
C PHE A 133 -16.37 -3.84 8.86
N GLU A 134 -15.68 -3.08 9.70
CA GLU A 134 -14.78 -2.01 9.26
C GLU A 134 -13.35 -2.48 9.44
N SER A 135 -12.55 -2.33 8.38
CA SER A 135 -11.15 -2.76 8.40
C SER A 135 -10.30 -1.59 8.00
N THR A 136 -9.32 -1.28 8.84
CA THR A 136 -8.59 -0.05 8.75
C THR A 136 -7.13 -0.29 8.29
N GLY A 137 -6.56 0.64 7.55
CA GLY A 137 -5.18 0.48 7.04
C GLY A 137 -4.68 1.66 6.25
N THR A 138 -3.74 1.42 5.33
CA THR A 138 -3.07 2.51 4.61
C THR A 138 -2.89 2.18 3.13
N ILE A 139 -2.76 3.22 2.32
CA ILE A 139 -2.48 3.07 0.89
C ILE A 139 -1.01 2.77 0.65
N LYS A 140 -0.72 1.71 -0.10
CA LYS A 140 0.66 1.32 -0.39
C LYS A 140 1.16 1.78 -1.77
N ARG A 141 0.28 1.77 -2.75
CA ARG A 141 0.61 2.17 -4.12
C ARG A 141 -0.64 2.63 -4.85
N ILE A 142 -0.46 3.66 -5.67
CA ILE A 142 -1.47 4.09 -6.62
C ILE A 142 -0.78 4.19 -7.96
N LYS A 143 -1.17 3.36 -8.91
CA LYS A 143 -0.60 3.40 -10.26
C LYS A 143 -1.75 3.37 -11.25
N ASP A 144 -1.93 4.47 -11.97
CA ASP A 144 -3.04 4.62 -12.90
C ASP A 144 -4.36 4.30 -12.18
N ASN A 145 -5.00 3.19 -12.53
CA ASN A 145 -6.28 2.83 -11.91
C ASN A 145 -6.16 1.72 -10.86
N ILE A 146 -4.93 1.43 -10.46
CA ILE A 146 -4.66 0.38 -9.48
C ILE A 146 -4.37 1.01 -8.12
N LEU A 147 -5.12 0.57 -7.11
CA LEU A 147 -4.90 0.98 -5.73
C LEU A 147 -4.51 -0.24 -4.90
N ASN A 148 -3.28 -0.27 -4.41
CA ASN A 148 -2.87 -1.32 -3.47
C ASN A 148 -2.94 -0.79 -2.05
N PHE A 149 -3.61 -1.54 -1.18
CA PHE A 149 -3.72 -1.10 0.20
C PHE A 149 -3.44 -2.24 1.16
N ASP A 150 -3.06 -1.86 2.36
CA ASP A 150 -2.78 -2.78 3.43
C ASP A 150 -3.90 -2.61 4.47
N ALA A 151 -4.90 -3.48 4.37
CA ALA A 151 -6.01 -3.56 5.32
C ALA A 151 -6.59 -4.94 5.15
N TYR A 152 -6.93 -5.58 6.25
CA TYR A 152 -7.33 -6.97 6.20
C TYR A 152 -8.71 -7.13 5.57
N ILE A 153 -8.78 -7.98 4.54
CA ILE A 153 -10.05 -8.37 3.94
C ILE A 153 -10.18 -9.88 3.78
N GLU A 154 -11.42 -10.34 3.62
CA GLU A 154 -11.74 -11.75 3.45
C GLU A 154 -12.76 -11.92 2.32
N PRO A 155 -12.93 -13.16 1.84
CA PRO A 155 -14.00 -13.46 0.87
C PRO A 155 -15.33 -12.86 1.31
N GLY A 156 -15.96 -12.10 0.42
CA GLY A 156 -17.15 -11.34 0.78
C GLY A 156 -16.92 -9.84 0.73
N ASN A 157 -15.68 -9.40 0.96
CA ASN A 157 -15.32 -7.97 0.85
C ASN A 157 -15.26 -7.47 -0.60
N SER A 158 -15.28 -8.39 -1.54
CA SER A 158 -15.38 -8.05 -2.96
C SER A 158 -16.49 -7.02 -3.15
N GLY A 159 -16.14 -5.89 -3.76
CA GLY A 159 -17.12 -4.81 -4.02
C GLY A 159 -17.24 -3.76 -2.93
N SER A 160 -16.50 -3.94 -1.84
CA SER A 160 -16.48 -2.99 -0.71
C SER A 160 -15.90 -1.65 -1.17
N PRO A 161 -16.38 -0.54 -0.59
CA PRO A 161 -15.75 0.75 -0.84
C PRO A 161 -14.43 0.84 -0.08
N VAL A 162 -13.44 1.48 -0.69
CA VAL A 162 -12.25 1.92 0.01
C VAL A 162 -12.46 3.41 0.28
N LEU A 163 -12.50 3.77 1.56
CA LEU A 163 -12.79 5.14 2.01
C LEU A 163 -11.56 5.85 2.57
N ASN A 164 -11.48 7.17 2.36
CA ASN A 164 -10.48 8.00 3.03
C ASN A 164 -10.93 8.35 4.47
N SER A 165 -10.12 9.12 5.19
CA SER A 165 -10.40 9.44 6.59
C SER A 165 -11.69 10.26 6.77
N ASN A 166 -12.13 10.91 5.69
CA ASN A 166 -13.36 11.69 5.70
C ASN A 166 -14.58 10.98 5.12
N ASN A 167 -14.44 9.67 4.94
CA ASN A 167 -15.52 8.80 4.43
C ASN A 167 -15.99 9.08 2.99
N GLU A 168 -15.08 9.60 2.17
CA GLU A 168 -15.29 9.73 0.72
C GLU A 168 -14.69 8.51 0.04
N VAL A 169 -15.31 8.07 -1.03
CA VAL A 169 -14.85 6.82 -1.65
C VAL A 169 -13.73 7.06 -2.65
N ILE A 170 -12.67 6.26 -2.53
CA ILE A 170 -11.49 6.35 -3.39
C ILE A 170 -11.45 5.22 -4.42
N GLY A 171 -12.12 4.12 -4.10
CA GLY A 171 -12.11 2.97 -5.01
C GLY A 171 -13.00 1.84 -4.54
N VAL A 172 -12.93 0.73 -5.28
CA VAL A 172 -13.78 -0.42 -4.99
C VAL A 172 -12.90 -1.65 -4.95
N VAL A 173 -13.04 -2.43 -3.89
CA VAL A 173 -12.27 -3.67 -3.69
C VAL A 173 -12.51 -4.67 -4.83
N TYR A 174 -11.39 -5.17 -5.39
CA TYR A 174 -11.38 -6.18 -6.44
C TYR A 174 -12.21 -7.42 -6.13
N GLY A 175 -12.76 -8.04 -7.17
CA GLY A 175 -13.44 -9.33 -7.03
C GLY A 175 -12.65 -10.46 -7.66
N GLY A 176 -11.58 -10.10 -8.34
CA GLY A 176 -10.73 -11.07 -9.01
C GLY A 176 -9.64 -11.60 -8.13
N ILE A 177 -8.90 -12.57 -8.68
CA ILE A 177 -7.79 -13.17 -8.00
C ILE A 177 -6.74 -12.10 -7.74
N GLY A 178 -6.28 -12.04 -6.49
CA GLY A 178 -5.28 -11.07 -6.08
C GLY A 178 -3.90 -11.50 -6.49
N LYS A 179 -2.98 -10.53 -6.54
CA LYS A 179 -1.56 -10.81 -6.76
C LYS A 179 -1.16 -11.99 -5.88
N ILE A 180 -0.62 -13.04 -6.51
CA ILE A 180 -0.23 -14.25 -5.78
C ILE A 180 0.85 -13.94 -4.75
N GLY A 181 0.65 -14.41 -3.51
CA GLY A 181 1.67 -14.31 -2.48
C GLY A 181 1.73 -12.97 -1.76
N SER A 182 0.86 -12.04 -2.16
CA SER A 182 0.90 -10.70 -1.60
C SER A 182 0.00 -10.58 -0.37
N GLU A 183 0.53 -9.92 0.65
CA GLU A 183 -0.25 -9.60 1.85
C GLU A 183 -1.06 -8.33 1.67
N TYR A 184 -0.80 -7.60 0.58
CA TYR A 184 -1.57 -6.39 0.26
C TYR A 184 -2.75 -6.73 -0.62
N ASN A 185 -3.72 -5.82 -0.66
CA ASN A 185 -4.94 -6.03 -1.41
C ASN A 185 -5.13 -5.00 -2.51
N GLY A 186 -6.02 -5.29 -3.46
CA GLY A 186 -6.22 -4.42 -4.60
C GLY A 186 -7.61 -3.83 -4.70
N ALA A 187 -7.67 -2.65 -5.30
CA ALA A 187 -8.92 -1.95 -5.57
C ALA A 187 -8.80 -1.16 -6.85
N VAL A 188 -9.92 -0.94 -7.52
CA VAL A 188 -9.94 0.01 -8.63
C VAL A 188 -9.88 1.41 -8.05
N TYR A 189 -8.86 2.17 -8.45
CA TYR A 189 -8.74 3.58 -8.04
C TYR A 189 -9.61 4.46 -8.95
N PHE A 190 -10.43 5.31 -8.34
CA PHE A 190 -11.34 6.16 -9.10
C PHE A 190 -10.62 7.35 -9.72
N THR A 191 -10.47 7.31 -11.02
CA THR A 191 -9.89 8.40 -11.79
C THR A 191 -10.99 9.11 -12.56
N PRO A 192 -10.69 10.28 -13.17
CA PRO A 192 -11.75 11.02 -13.86
C PRO A 192 -12.60 10.22 -14.86
N GLN A 193 -12.00 9.35 -15.67
CA GLN A 193 -12.77 8.57 -16.65
C GLN A 193 -13.78 7.64 -15.97
N ILE A 194 -13.36 7.03 -14.87
CA ILE A 194 -14.23 6.11 -14.13
C ILE A 194 -15.33 6.87 -13.39
N LYS A 195 -14.96 7.95 -12.73
CA LYS A 195 -15.94 8.83 -12.06
C LYS A 195 -17.01 9.34 -13.03
N ASP A 196 -16.59 9.73 -14.24
CA ASP A 196 -17.52 10.19 -15.27
C ASP A 196 -18.50 9.10 -15.67
N PHE A 197 -18.00 7.89 -15.90
CA PHE A 197 -18.85 6.75 -16.24
C PHE A 197 -19.90 6.51 -15.15
N ILE A 198 -19.44 6.50 -13.90
CA ILE A 198 -20.35 6.30 -12.76
C ILE A 198 -21.40 7.41 -12.72
N GLN A 199 -20.93 8.66 -12.79
CA GLN A 199 -21.81 9.81 -12.61
C GLN A 199 -22.92 9.83 -13.66
N LYS A 200 -22.60 9.37 -14.85
CA LYS A 200 -23.55 9.31 -15.96
C LYS A 200 -24.65 8.27 -15.77
N HIS A 201 -24.45 7.37 -14.81
CA HIS A 201 -25.45 6.34 -14.51
C HIS A 201 -26.30 6.59 -13.27
N ILE A 202 -25.99 7.66 -12.54
CA ILE A 202 -26.78 8.03 -11.36
C ILE A 202 -28.14 8.59 -11.81
N GLU A 203 -29.21 8.15 -11.14
CA GLU A 203 -30.56 8.60 -11.48
C GLU A 203 -30.85 9.97 -10.87
N GLN A 204 -31.89 10.65 -11.34
CA GLN A 204 -32.15 12.03 -10.90
C GLN A 204 -33.63 12.35 -10.73
N HIS A 205 -34.48 11.52 -11.33
CA HIS A 205 -35.91 11.80 -11.30
C HIS A 205 -36.78 10.52 -11.37
N HIS A 206 -38.09 10.70 -11.28
CA HIS A 206 -39.04 9.60 -11.28
C HIS A 206 -39.81 9.53 -12.59
N HIS A 207 -40.12 8.31 -13.02
CA HIS A 207 -40.89 8.09 -14.25
C HIS A 207 -42.35 7.73 -14.00
N LYS B 3 39.05 -7.45 -6.24
CA LYS B 3 37.96 -7.44 -5.22
C LYS B 3 38.52 -7.25 -3.82
N ASN B 4 37.90 -6.36 -3.04
CA ASN B 4 38.32 -6.10 -1.67
C ASN B 4 37.15 -5.86 -0.73
N VAL B 5 37.34 -6.26 0.52
CA VAL B 5 36.39 -6.00 1.59
C VAL B 5 37.16 -5.27 2.70
N THR B 6 36.71 -4.07 3.01
CA THR B 6 37.39 -3.19 3.93
C THR B 6 36.39 -2.62 4.91
N GLN B 7 36.80 -2.54 6.17
CA GLN B 7 36.02 -1.87 7.19
C GLN B 7 36.09 -0.36 6.95
N VAL B 8 34.93 0.28 6.92
CA VAL B 8 34.84 1.75 6.80
C VAL B 8 35.35 2.39 8.08
N LYS B 9 36.31 3.31 7.95
CA LYS B 9 36.92 3.96 9.12
C LYS B 9 36.10 5.13 9.68
N ASP B 10 35.51 5.93 8.80
CA ASP B 10 34.67 7.05 9.23
C ASP B 10 33.33 7.02 8.48
N THR B 11 32.25 6.77 9.22
CA THR B 11 30.92 6.69 8.60
C THR B 11 30.18 8.03 8.58
N ASN B 12 30.89 9.11 8.93
CA ASN B 12 30.31 10.46 8.91
C ASN B 12 30.49 11.20 7.59
N ASN B 13 31.02 10.51 6.59
CA ASN B 13 31.23 11.05 5.26
C ASN B 13 30.36 10.29 4.26
N PHE B 14 29.89 10.98 3.23
CA PHE B 14 29.24 10.30 2.11
C PHE B 14 30.29 9.43 1.39
N PRO B 15 29.90 8.23 0.90
CA PRO B 15 28.56 7.62 0.85
C PRO B 15 28.15 6.88 2.11
N TYR B 16 29.07 6.73 3.05
CA TYR B 16 28.87 5.92 4.25
C TYR B 16 27.76 6.42 5.15
N ASN B 17 27.57 7.74 5.16
CA ASN B 17 26.53 8.36 5.97
C ASN B 17 25.14 8.35 5.33
N GLY B 18 25.00 7.64 4.21
CA GLY B 18 23.68 7.38 3.61
C GLY B 18 23.17 5.98 3.93
N VAL B 19 23.93 5.26 4.75
CA VAL B 19 23.60 3.87 5.10
C VAL B 19 23.07 3.79 6.53
N VAL B 20 22.01 3.00 6.71
CA VAL B 20 21.42 2.77 8.04
C VAL B 20 21.48 1.30 8.43
N SER B 21 21.43 1.02 9.74
CA SER B 21 21.45 -0.34 10.23
C SER B 21 20.16 -0.75 10.93
N PHE B 22 19.73 -1.96 10.61
CA PHE B 22 18.72 -2.66 11.41
C PHE B 22 19.48 -3.57 12.40
N LYS B 23 18.80 -4.50 13.04
CA LYS B 23 19.49 -5.39 13.98
C LYS B 23 20.43 -6.38 13.27
N ASP B 24 20.05 -6.78 12.06
CA ASP B 24 20.74 -7.84 11.35
C ASP B 24 20.70 -7.61 9.85
N ALA B 25 20.59 -6.34 9.45
CA ALA B 25 20.41 -5.99 8.04
C ALA B 25 20.73 -4.52 7.79
N THR B 26 20.64 -4.15 6.52
CA THR B 26 21.05 -2.82 6.09
C THR B 26 19.90 -2.12 5.39
N GLY B 27 19.95 -0.79 5.39
CA GLY B 27 19.08 0.01 4.54
C GLY B 27 19.86 1.25 4.13
N PHE B 28 19.27 2.07 3.28
CA PHE B 28 19.97 3.27 2.82
C PHE B 28 19.01 4.42 2.50
N VAL B 29 19.52 5.63 2.60
CA VAL B 29 18.70 6.82 2.49
C VAL B 29 18.55 7.19 1.01
N ILE B 30 17.30 7.41 0.58
CA ILE B 30 16.99 7.78 -0.81
C ILE B 30 16.29 9.15 -0.95
N GLY B 31 15.91 9.72 0.19
CA GLY B 31 15.30 11.04 0.22
C GLY B 31 15.01 11.46 1.65
N LYS B 32 14.45 12.66 1.80
CA LYS B 32 14.11 13.13 3.13
C LYS B 32 13.16 12.13 3.81
N ASN B 33 13.51 11.75 5.05
CA ASN B 33 12.71 10.84 5.86
C ASN B 33 12.48 9.47 5.22
N THR B 34 13.31 9.08 4.24
CA THR B 34 12.99 7.89 3.44
C THR B 34 14.18 6.97 3.27
N ILE B 35 13.98 5.71 3.64
CA ILE B 35 14.98 4.67 3.39
C ILE B 35 14.42 3.54 2.52
N ILE B 36 15.34 2.82 1.90
CA ILE B 36 15.06 1.61 1.16
C ILE B 36 15.75 0.45 1.85
N THR B 37 15.09 -0.70 1.85
CA THR B 37 15.68 -1.97 2.25
C THR B 37 14.97 -3.04 1.41
N ASN B 38 14.98 -4.29 1.84
CA ASN B 38 14.21 -5.29 1.11
C ASN B 38 13.09 -5.90 1.94
N LYS B 39 12.31 -6.78 1.31
CA LYS B 39 11.14 -7.37 1.96
C LYS B 39 11.48 -8.39 3.05
N HIS B 40 12.65 -9.00 2.95
CA HIS B 40 13.17 -9.90 4.00
C HIS B 40 13.40 -9.14 5.29
N VAL B 41 13.90 -7.92 5.16
CA VAL B 41 14.15 -7.05 6.31
C VAL B 41 12.82 -6.48 6.82
N SER B 42 12.02 -5.89 5.93
CA SER B 42 10.78 -5.25 6.37
C SER B 42 9.84 -6.22 7.11
N LYS B 43 9.85 -7.49 6.70
CA LYS B 43 9.00 -8.53 7.32
C LYS B 43 9.28 -8.67 8.81
N ASP B 44 10.49 -8.30 9.22
CA ASP B 44 10.95 -8.44 10.59
C ASP B 44 10.70 -7.20 11.45
N TYR B 45 10.27 -6.11 10.82
CA TYR B 45 10.14 -4.83 11.50
C TYR B 45 8.73 -4.27 11.44
N LYS B 46 8.42 -3.39 12.40
CA LYS B 46 7.08 -2.83 12.55
C LYS B 46 7.21 -1.34 12.78
N VAL B 47 6.12 -0.61 12.58
CA VAL B 47 6.05 0.81 12.92
C VAL B 47 6.39 0.96 14.40
N GLY B 48 7.29 1.88 14.71
CA GLY B 48 7.76 2.10 16.07
C GLY B 48 9.08 1.42 16.39
N ASP B 49 9.50 0.46 15.58
CA ASP B 49 10.84 -0.13 15.71
C ASP B 49 11.89 0.90 15.30
N ARG B 50 13.13 0.67 15.72
CA ARG B 50 14.18 1.67 15.56
C ARG B 50 15.25 1.27 14.56
N ILE B 51 15.83 2.26 13.89
CA ILE B 51 17.01 2.07 13.05
C ILE B 51 18.11 2.98 13.59
N THR B 52 19.35 2.73 13.18
CA THR B 52 20.46 3.60 13.57
C THR B 52 21.11 4.14 12.30
N ALA B 53 21.40 5.45 12.29
CA ALA B 53 22.03 6.09 11.14
C ALA B 53 23.53 5.87 11.18
N HIS B 54 24.06 5.26 10.12
CA HIS B 54 25.51 5.08 9.89
C HIS B 54 26.36 4.77 11.14
N PRO B 55 25.99 3.73 11.91
CA PRO B 55 26.79 3.38 13.07
C PRO B 55 28.18 2.90 12.70
N ASN B 56 29.12 3.07 13.61
CA ASN B 56 30.45 2.49 13.45
C ASN B 56 30.96 1.95 14.78
N GLY B 57 30.37 0.84 15.22
CA GLY B 57 30.72 0.22 16.51
C GLY B 57 30.61 1.24 17.63
N ASP B 58 31.69 1.37 18.41
CA ASP B 58 31.72 2.29 19.53
C ASP B 58 32.13 3.72 19.17
N LYS B 59 32.34 3.98 17.89
CA LYS B 59 32.62 5.35 17.41
C LYS B 59 31.35 6.21 17.40
N GLY B 60 30.20 5.60 17.68
CA GLY B 60 28.95 6.33 17.71
C GLY B 60 28.21 6.20 16.41
N ASN B 61 27.30 7.15 16.17
CA ASN B 61 26.38 7.05 15.06
C ASN B 61 25.67 8.38 14.79
N GLY B 62 24.85 8.40 13.74
CA GLY B 62 24.12 9.60 13.36
C GLY B 62 22.76 9.71 14.01
N GLY B 63 22.53 8.89 15.04
CA GLY B 63 21.28 8.90 15.80
C GLY B 63 20.45 7.64 15.69
N ILE B 64 19.46 7.52 16.57
CA ILE B 64 18.54 6.39 16.56
C ILE B 64 17.16 6.94 16.22
N TYR B 65 16.48 6.30 15.27
CA TYR B 65 15.26 6.84 14.69
C TYR B 65 14.18 5.79 14.66
N LYS B 66 12.93 6.21 14.86
CA LYS B 66 11.79 5.31 14.79
C LYS B 66 11.23 5.18 13.37
N ILE B 67 10.77 3.99 13.03
CA ILE B 67 10.06 3.78 11.76
C ILE B 67 8.63 4.30 11.87
N LYS B 68 8.22 5.13 10.91
CA LYS B 68 6.88 5.73 10.88
C LYS B 68 5.88 4.94 10.03
N SER B 69 6.35 4.43 8.90
CA SER B 69 5.55 3.57 8.03
C SER B 69 6.44 2.71 7.15
N ILE B 70 5.90 1.58 6.72
CA ILE B 70 6.61 0.61 5.90
C ILE B 70 5.71 0.26 4.74
N SER B 71 6.23 0.40 3.53
CA SER B 71 5.48 -0.01 2.34
C SER B 71 6.35 -0.85 1.43
N ASP B 72 6.02 -2.15 1.36
CA ASP B 72 6.65 -3.06 0.42
C ASP B 72 6.21 -2.72 -0.99
N TYR B 73 7.09 -2.93 -1.96
CA TYR B 73 6.68 -2.83 -3.36
C TYR B 73 5.67 -3.95 -3.63
N PRO B 74 4.45 -3.60 -4.11
CA PRO B 74 3.42 -4.65 -4.33
C PRO B 74 3.74 -5.73 -5.39
N GLY B 75 4.70 -5.45 -6.27
CA GLY B 75 5.19 -6.44 -7.26
C GLY B 75 6.06 -7.53 -6.63
N ASP B 76 6.71 -8.35 -7.46
CA ASP B 76 7.54 -9.44 -6.91
C ASP B 76 8.90 -8.99 -6.40
N GLU B 77 9.38 -7.84 -6.86
CA GLU B 77 10.72 -7.36 -6.51
C GLU B 77 10.94 -7.21 -4.99
N ASP B 78 12.12 -7.60 -4.54
CA ASP B 78 12.49 -7.66 -3.13
C ASP B 78 12.93 -6.27 -2.69
N ILE B 79 11.99 -5.33 -2.64
CA ILE B 79 12.28 -3.96 -2.21
C ILE B 79 11.17 -3.47 -1.29
N SER B 80 11.56 -2.67 -0.30
CA SER B 80 10.61 -2.03 0.58
C SER B 80 11.08 -0.60 0.84
N VAL B 81 10.14 0.33 1.00
CA VAL B 81 10.45 1.70 1.40
C VAL B 81 9.95 1.94 2.82
N MET B 82 10.65 2.76 3.59
CA MET B 82 10.14 3.13 4.90
C MET B 82 10.18 4.63 5.11
N ASN B 83 9.21 5.13 5.84
CA ASN B 83 9.15 6.51 6.28
C ASN B 83 9.72 6.55 7.69
N ILE B 84 10.67 7.45 7.90
CA ILE B 84 11.33 7.58 9.17
C ILE B 84 10.88 8.84 9.89
N GLU B 85 10.59 8.68 11.18
CA GLU B 85 10.23 9.80 12.05
C GLU B 85 11.42 10.76 12.07
N GLU B 86 11.15 12.00 11.70
CA GLU B 86 12.20 12.98 11.41
C GLU B 86 13.03 13.34 12.65
N GLN B 87 12.38 13.34 13.81
CA GLN B 87 13.03 13.67 15.07
C GLN B 87 13.53 12.42 15.77
N ALA B 88 14.85 12.39 16.00
CA ALA B 88 15.53 11.23 16.57
C ALA B 88 15.05 10.87 17.96
N VAL B 89 15.06 9.58 18.27
CA VAL B 89 14.91 9.12 19.65
C VAL B 89 16.18 9.53 20.41
N GLU B 90 17.32 9.29 19.78
CA GLU B 90 18.62 9.71 20.30
C GLU B 90 19.40 10.49 19.25
N ARG B 91 19.96 11.61 19.70
CA ARG B 91 20.69 12.58 18.88
C ARG B 91 21.83 11.98 18.05
N GLY B 92 22.07 12.57 16.88
CA GLY B 92 23.34 12.38 16.16
C GLY B 92 24.20 13.62 16.37
N PRO B 93 25.43 13.64 15.83
CA PRO B 93 26.29 14.80 16.01
C PRO B 93 25.71 16.09 15.43
N LYS B 94 24.86 15.96 14.41
CA LYS B 94 24.26 17.13 13.78
C LYS B 94 22.86 17.42 14.31
N GLY B 95 22.56 16.90 15.49
CA GLY B 95 21.31 17.18 16.19
C GLY B 95 20.27 16.07 16.04
N PHE B 96 19.02 16.42 16.28
CA PHE B 96 17.93 15.46 16.30
C PHE B 96 17.27 15.20 14.94
N ASN B 97 17.59 16.03 13.94
CA ASN B 97 16.95 15.87 12.62
C ASN B 97 17.62 14.78 11.80
N PHE B 98 16.84 13.78 11.39
CA PHE B 98 17.33 12.66 10.59
C PHE B 98 18.08 13.16 9.36
N ASN B 99 17.45 14.10 8.66
CA ASN B 99 18.00 14.56 7.39
C ASN B 99 19.31 15.33 7.53
N GLU B 100 19.52 15.93 8.69
CA GLU B 100 20.75 16.66 8.98
C GLU B 100 21.91 15.71 9.26
N ASN B 101 21.59 14.47 9.65
CA ASN B 101 22.61 13.49 10.05
C ASN B 101 22.97 12.48 8.97
N VAL B 102 22.26 12.52 7.84
CA VAL B 102 22.50 11.60 6.73
C VAL B 102 22.59 12.38 5.42
N GLN B 103 23.07 11.73 4.38
CA GLN B 103 22.99 12.27 3.01
C GLN B 103 22.36 11.22 2.13
N ALA B 104 21.37 11.64 1.35
CA ALA B 104 20.61 10.73 0.50
C ALA B 104 21.38 10.40 -0.76
N PHE B 105 21.27 9.14 -1.19
CA PHE B 105 21.75 8.73 -2.50
C PHE B 105 20.85 9.23 -3.63
N ASN B 106 21.46 9.41 -4.81
CA ASN B 106 20.74 9.57 -6.06
C ASN B 106 20.71 8.22 -6.78
N PHE B 107 19.62 7.94 -7.48
CA PHE B 107 19.58 6.80 -8.40
C PHE B 107 20.55 6.99 -9.57
N ALA B 108 21.26 5.92 -9.92
CA ALA B 108 21.95 5.86 -11.22
C ALA B 108 20.91 5.87 -12.35
N LYS B 109 21.29 6.39 -13.52
CA LYS B 109 20.41 6.32 -14.70
C LYS B 109 20.16 4.86 -15.06
N ASP B 110 21.24 4.08 -15.07
CA ASP B 110 21.23 2.66 -15.40
C ASP B 110 22.64 2.12 -15.10
N ALA B 111 22.91 0.89 -15.52
CA ALA B 111 24.24 0.30 -15.40
C ALA B 111 24.51 -0.72 -16.50
N LYS B 112 25.78 -1.08 -16.67
CA LYS B 112 26.22 -2.02 -17.71
C LYS B 112 26.98 -3.19 -17.11
N VAL B 113 26.78 -4.38 -17.67
CA VAL B 113 27.60 -5.55 -17.34
C VAL B 113 29.08 -5.14 -17.43
N ASP B 114 29.85 -5.58 -16.44
CA ASP B 114 31.28 -5.27 -16.30
C ASP B 114 31.64 -3.94 -15.64
N ASP B 115 30.63 -3.12 -15.32
CA ASP B 115 30.87 -1.91 -14.53
C ASP B 115 31.45 -2.29 -13.16
N LYS B 116 32.34 -1.45 -12.66
CA LYS B 116 32.86 -1.62 -11.32
C LYS B 116 31.86 -1.03 -10.33
N ILE B 117 31.50 -1.84 -9.34
CA ILE B 117 30.51 -1.44 -8.33
C ILE B 117 31.04 -1.62 -6.92
N LYS B 118 30.29 -1.12 -5.95
CA LYS B 118 30.61 -1.34 -4.55
C LYS B 118 29.34 -1.57 -3.74
N VAL B 119 29.47 -2.37 -2.71
CA VAL B 119 28.38 -2.61 -1.78
C VAL B 119 28.83 -2.08 -0.44
N ILE B 120 27.98 -1.28 0.21
CA ILE B 120 28.31 -0.77 1.51
C ILE B 120 27.18 -1.17 2.45
N GLY B 121 27.54 -1.67 3.63
CA GLY B 121 26.53 -2.07 4.59
C GLY B 121 27.08 -2.72 5.82
N TYR B 122 26.20 -3.47 6.47
CA TYR B 122 26.45 -4.06 7.77
C TYR B 122 26.33 -5.58 7.66
N PRO B 123 27.39 -6.23 7.12
CA PRO B 123 27.37 -7.67 6.89
C PRO B 123 27.19 -8.53 8.15
N LEU B 124 27.69 -8.07 9.29
CA LEU B 124 27.63 -8.86 10.53
C LEU B 124 26.42 -8.45 11.36
N PRO B 125 25.89 -9.35 12.22
CA PRO B 125 24.86 -8.89 13.17
C PRO B 125 25.30 -7.68 14.00
N ALA B 126 24.36 -6.76 14.27
CA ALA B 126 24.66 -5.54 15.03
C ALA B 126 25.24 -5.86 16.40
N SER B 129 29.04 -6.28 16.05
CA SER B 129 29.92 -5.46 15.22
C SER B 129 29.41 -4.02 15.14
N PHE B 130 28.29 -3.82 14.45
CA PHE B 130 27.72 -2.49 14.24
C PHE B 130 28.72 -1.62 13.44
N LYS B 131 29.63 -2.28 12.74
CA LYS B 131 30.63 -1.61 11.90
C LYS B 131 30.29 -1.77 10.42
N GLN B 132 30.54 -0.70 9.67
CA GLN B 132 30.22 -0.69 8.25
C GLN B 132 31.38 -1.24 7.44
N PHE B 133 31.05 -1.99 6.39
CA PHE B 133 32.05 -2.52 5.46
C PHE B 133 31.75 -2.14 4.01
N GLU B 134 32.82 -1.97 3.24
CA GLU B 134 32.74 -1.67 1.80
C GLU B 134 33.33 -2.84 1.05
N SER B 135 32.59 -3.35 0.07
CA SER B 135 32.97 -4.53 -0.70
C SER B 135 32.89 -4.20 -2.18
N THR B 136 34.00 -4.38 -2.89
CA THR B 136 34.03 -4.03 -4.30
C THR B 136 33.87 -5.27 -5.19
N GLY B 137 33.39 -5.05 -6.41
CA GLY B 137 33.18 -6.12 -7.37
C GLY B 137 32.75 -5.59 -8.71
N THR B 138 32.11 -6.44 -9.50
CA THR B 138 31.77 -6.12 -10.88
C THR B 138 30.34 -6.57 -11.16
N ILE B 139 29.65 -5.88 -12.06
CA ILE B 139 28.34 -6.34 -12.53
C ILE B 139 28.53 -7.49 -13.51
N LYS B 140 27.78 -8.58 -13.30
CA LYS B 140 27.93 -9.78 -14.10
C LYS B 140 26.74 -10.02 -15.03
N ARG B 141 25.57 -9.54 -14.62
CA ARG B 141 24.34 -9.74 -15.38
C ARG B 141 23.33 -8.66 -15.02
N ILE B 142 22.63 -8.17 -16.04
CA ILE B 142 21.45 -7.33 -15.84
C ILE B 142 20.35 -7.87 -16.75
N LYS B 143 19.30 -8.42 -16.13
CA LYS B 143 18.13 -8.89 -16.85
C LYS B 143 16.87 -8.35 -16.18
N ASP B 144 16.19 -7.41 -16.86
CA ASP B 144 14.96 -6.82 -16.34
C ASP B 144 15.21 -6.12 -15.00
N ASN B 145 14.68 -6.68 -13.91
CA ASN B 145 14.82 -6.07 -12.58
C ASN B 145 15.81 -6.81 -11.68
N ILE B 146 16.64 -7.65 -12.29
CA ILE B 146 17.69 -8.39 -11.57
C ILE B 146 19.06 -7.86 -11.96
N LEU B 147 19.87 -7.60 -10.93
CA LEU B 147 21.25 -7.21 -11.09
C LEU B 147 22.10 -8.28 -10.41
N ASN B 148 22.98 -8.93 -11.18
CA ASN B 148 23.95 -9.86 -10.58
C ASN B 148 25.33 -9.25 -10.52
N PHE B 149 26.00 -9.44 -9.40
CA PHE B 149 27.30 -8.83 -9.11
C PHE B 149 28.16 -9.80 -8.30
N ASP B 150 29.48 -9.63 -8.37
CA ASP B 150 30.40 -10.56 -7.71
C ASP B 150 31.12 -9.99 -6.47
N ALA B 151 30.69 -8.84 -5.96
CA ALA B 151 31.23 -8.32 -4.70
C ALA B 151 30.85 -9.25 -3.57
N TYR B 152 31.78 -9.44 -2.63
CA TYR B 152 31.56 -10.29 -1.48
C TYR B 152 30.50 -9.72 -0.54
N ILE B 153 29.54 -10.55 -0.16
CA ILE B 153 28.55 -10.14 0.84
C ILE B 153 28.32 -11.24 1.87
N GLU B 154 27.76 -10.85 3.01
CA GLU B 154 27.28 -11.77 4.04
C GLU B 154 25.82 -11.38 4.35
N PRO B 155 25.07 -12.24 5.07
CA PRO B 155 23.64 -12.01 5.33
C PRO B 155 23.20 -10.60 5.74
N GLY B 156 24.00 -9.92 6.55
CA GLY B 156 23.64 -8.56 7.01
C GLY B 156 23.61 -7.54 5.90
N ASN B 157 24.24 -7.84 4.77
CA ASN B 157 24.19 -6.97 3.59
C ASN B 157 22.82 -6.95 2.93
N SER B 158 21.92 -7.80 3.40
CA SER B 158 20.51 -7.71 3.00
C SER B 158 20.07 -6.25 3.12
N GLY B 159 19.68 -5.65 2.01
CA GLY B 159 19.18 -4.26 1.98
C GLY B 159 20.22 -3.19 1.65
N SER B 160 21.45 -3.62 1.38
CA SER B 160 22.56 -2.69 1.10
C SER B 160 22.40 -2.09 -0.29
N PRO B 161 22.87 -0.85 -0.48
CA PRO B 161 22.90 -0.27 -1.80
C PRO B 161 24.03 -0.90 -2.62
N VAL B 162 23.77 -1.12 -3.90
CA VAL B 162 24.82 -1.41 -4.86
C VAL B 162 25.07 -0.09 -5.57
N LEU B 163 26.29 0.41 -5.45
CA LEU B 163 26.67 1.75 -5.95
C LEU B 163 27.55 1.67 -7.19
N ASN B 164 27.40 2.63 -8.09
CA ASN B 164 28.32 2.78 -9.22
C ASN B 164 29.55 3.59 -8.79
N SER B 165 30.45 3.92 -9.72
CA SER B 165 31.72 4.55 -9.32
C SER B 165 31.53 5.99 -8.84
N ASN B 166 30.37 6.56 -9.14
CA ASN B 166 30.03 7.91 -8.70
C ASN B 166 29.08 7.95 -7.50
N ASN B 167 29.07 6.83 -6.76
CA ASN B 167 28.25 6.65 -5.57
C ASN B 167 26.75 6.86 -5.76
N GLU B 168 26.27 6.51 -6.94
CA GLU B 168 24.83 6.50 -7.23
C GLU B 168 24.31 5.08 -7.10
N VAL B 169 23.06 4.95 -6.67
CA VAL B 169 22.51 3.63 -6.36
C VAL B 169 21.92 2.98 -7.59
N ILE B 170 22.40 1.77 -7.89
CA ILE B 170 21.94 1.00 -9.04
C ILE B 170 20.89 -0.03 -8.61
N GLY B 171 20.98 -0.47 -7.36
CA GLY B 171 20.12 -1.54 -6.88
C GLY B 171 20.23 -1.77 -5.40
N VAL B 172 19.46 -2.75 -4.93
CA VAL B 172 19.44 -3.12 -3.51
C VAL B 172 19.68 -4.62 -3.36
N VAL B 173 20.65 -4.96 -2.53
CA VAL B 173 21.04 -6.36 -2.29
C VAL B 173 19.90 -7.21 -1.70
N TYR B 174 19.68 -8.38 -2.31
CA TYR B 174 18.67 -9.38 -1.90
C TYR B 174 18.81 -9.91 -0.49
N GLY B 175 17.69 -10.34 0.07
CA GLY B 175 17.68 -11.16 1.28
C GLY B 175 17.95 -12.62 0.94
N TYR B 184 26.36 -15.92 -8.86
CA TYR B 184 26.71 -14.61 -8.33
C TYR B 184 25.65 -14.08 -7.37
N ASN B 185 25.99 -13.00 -6.67
CA ASN B 185 25.05 -12.39 -5.74
C ASN B 185 24.00 -11.60 -6.48
N GLY B 186 22.84 -11.43 -5.86
CA GLY B 186 21.70 -10.79 -6.51
C GLY B 186 21.27 -9.49 -5.87
N ALA B 187 20.76 -8.59 -6.71
CA ALA B 187 20.20 -7.32 -6.25
C ALA B 187 19.00 -6.99 -7.13
N VAL B 188 18.04 -6.25 -6.57
CA VAL B 188 17.00 -5.64 -7.37
C VAL B 188 17.61 -4.47 -8.14
N TYR B 189 17.47 -4.51 -9.47
CA TYR B 189 17.93 -3.44 -10.35
C TYR B 189 16.82 -2.39 -10.43
N PHE B 190 17.17 -1.15 -10.10
CA PHE B 190 16.20 -0.05 -10.17
C PHE B 190 15.87 0.30 -11.61
N THR B 191 14.59 0.24 -11.91
CA THR B 191 14.06 0.58 -13.22
C THR B 191 12.95 1.61 -13.02
N PRO B 192 12.45 2.22 -14.11
CA PRO B 192 11.43 3.27 -14.01
C PRO B 192 10.26 2.96 -13.08
N GLN B 193 9.69 1.77 -13.16
CA GLN B 193 8.49 1.45 -12.35
C GLN B 193 8.78 1.49 -10.85
N ILE B 194 9.90 0.91 -10.47
CA ILE B 194 10.29 0.85 -9.04
C ILE B 194 10.70 2.23 -8.54
N LYS B 195 11.44 2.97 -9.36
CA LYS B 195 11.84 4.34 -9.01
C LYS B 195 10.63 5.25 -8.85
N ASP B 196 9.62 5.05 -9.69
CA ASP B 196 8.38 5.82 -9.59
C ASP B 196 7.67 5.54 -8.27
N PHE B 197 7.60 4.26 -7.89
CA PHE B 197 7.01 3.87 -6.60
C PHE B 197 7.72 4.56 -5.42
N ILE B 198 9.05 4.48 -5.41
CA ILE B 198 9.85 5.14 -4.37
C ILE B 198 9.59 6.65 -4.34
N GLN B 199 9.66 7.27 -5.50
CA GLN B 199 9.47 8.72 -5.63
C GLN B 199 8.10 9.18 -5.07
N LYS B 200 7.06 8.40 -5.35
CA LYS B 200 5.74 8.72 -4.84
C LYS B 200 5.72 8.68 -3.32
N HIS B 201 6.48 7.74 -2.75
CA HIS B 201 6.62 7.72 -1.30
C HIS B 201 7.48 8.87 -0.76
N ILE B 202 8.58 9.18 -1.44
CA ILE B 202 9.42 10.31 -1.03
C ILE B 202 8.57 11.59 -0.92
N GLU B 203 7.73 11.81 -1.93
CA GLU B 203 6.87 12.98 -2.02
C GLU B 203 5.92 13.11 -0.83
N GLN B 204 5.50 11.98 -0.27
CA GLN B 204 4.59 12.02 0.86
C GLN B 204 5.30 12.10 2.21
N HIS B 205 6.51 11.56 2.27
CA HIS B 205 7.22 11.51 3.55
C HIS B 205 7.70 12.89 3.99
N HIS B 206 7.93 13.77 3.03
CA HIS B 206 8.40 15.11 3.35
C HIS B 206 8.03 16.08 2.23
N HIS B 207 7.56 17.27 2.59
CA HIS B 207 7.20 18.27 1.60
C HIS B 207 8.44 18.76 0.85
ZN ZN C . -36.02 9.91 -17.21
ZN ZN D . -37.01 9.38 -5.47
ZN ZN E . -18.46 -15.44 -7.76
ZN ZN F . -41.06 4.44 -9.96
ZN ZN G . 5.53 5.88 2.36
ZN ZN H . 12.07 18.29 7.58
ZN ZN I . 1.20 19.13 11.33
#